data_8FHA
#
_entry.id   8FHA
#
_cell.length_a   48.051
_cell.length_b   104.712
_cell.length_c   52.587
_cell.angle_alpha   90.000
_cell.angle_beta   91.810
_cell.angle_gamma   90.000
#
_symmetry.space_group_name_H-M   'P 1 21 1'
#
loop_
_entity.id
_entity.type
_entity.pdbx_description
1 polymer Adhesin
2 non-polymer 'CALCIUM ION'
3 non-polymer 'SODIUM ION'
4 water water
#
_entity_poly.entity_id   1
_entity_poly.type   'polypeptide(L)'
_entity_poly.pdbx_seq_one_letter_code
;GAQPYVNPEGKISTTVKADDSTASETALAEVAEASVGDGVAVVDTIHYTGLVEGKEYDVTGTLYEVKDGVVVGDAKATKT
AVLTAGKDGKGDWELDFGTVEGLEVGKSYVVYEKAVSKENLVDADGDKKPESKQEVKHENPADKSQTFIIKE
;
_entity_poly.pdbx_strand_id   A,B,C,D
#
# COMPACT_ATOMS: atom_id res chain seq x y z
N VAL A 6 28.79 -11.07 -1.59
CA VAL A 6 28.79 -10.11 -2.75
C VAL A 6 27.34 -9.80 -3.15
N ASN A 7 27.05 -8.55 -3.48
CA ASN A 7 25.66 -8.09 -3.77
C ASN A 7 25.19 -8.69 -5.09
N PRO A 8 23.95 -9.23 -5.12
CA PRO A 8 23.37 -9.74 -6.37
C PRO A 8 23.10 -8.57 -7.34
N GLU A 9 23.24 -8.84 -8.64
CA GLU A 9 23.08 -7.84 -9.74
C GLU A 9 21.94 -8.34 -10.63
N GLY A 10 20.71 -7.97 -10.26
CA GLY A 10 19.47 -8.49 -10.84
C GLY A 10 19.11 -7.80 -12.14
N LYS A 11 18.60 -8.55 -13.09
CA LYS A 11 18.09 -8.02 -14.37
C LYS A 11 16.82 -8.80 -14.72
N ILE A 12 15.78 -8.11 -15.19
CA ILE A 12 14.57 -8.82 -15.68
C ILE A 12 14.18 -8.26 -17.04
N SER A 13 13.71 -9.14 -17.91
CA SER A 13 13.00 -8.77 -19.15
C SER A 13 11.66 -9.50 -19.11
N THR A 14 10.76 -9.17 -20.02
CA THR A 14 9.42 -9.75 -19.99
C THR A 14 8.96 -10.09 -21.41
N THR A 15 7.98 -10.98 -21.48
CA THR A 15 7.22 -11.29 -22.71
C THR A 15 5.76 -11.46 -22.33
N VAL A 16 4.88 -10.68 -22.93
CA VAL A 16 3.43 -10.76 -22.64
C VAL A 16 2.78 -11.72 -23.62
N LYS A 17 1.76 -12.42 -23.15
CA LYS A 17 0.82 -13.22 -23.96
C LYS A 17 -0.58 -12.69 -23.64
N ALA A 18 -1.34 -12.31 -24.65
CA ALA A 18 -2.72 -11.80 -24.50
C ALA A 18 -3.63 -12.68 -25.34
N ASP A 19 -4.66 -13.29 -24.74
CA ASP A 19 -5.48 -14.33 -25.40
C ASP A 19 -4.49 -15.39 -25.93
N ASP A 20 -4.55 -15.75 -27.20
CA ASP A 20 -3.66 -16.82 -27.75
C ASP A 20 -2.32 -16.24 -28.25
N SER A 21 -2.04 -14.95 -28.04
CA SER A 21 -1.08 -14.18 -28.86
C SER A 21 0.13 -13.77 -28.02
N THR A 22 1.33 -14.24 -28.39
CA THR A 22 2.58 -13.91 -27.67
C THR A 22 3.29 -12.77 -28.40
N ALA A 23 3.73 -11.79 -27.63
CA ALA A 23 4.58 -10.70 -28.14
C ALA A 23 6.01 -11.21 -28.24
N SER A 24 6.88 -10.43 -28.85
CA SER A 24 8.32 -10.75 -28.98
C SER A 24 9.10 -9.45 -29.10
N GLU A 25 10.43 -9.55 -29.05
CA GLU A 25 11.35 -8.40 -29.22
C GLU A 25 11.06 -7.67 -30.54
N THR A 26 10.48 -8.35 -31.54
CA THR A 26 10.30 -7.79 -32.91
C THR A 26 8.83 -7.45 -33.24
N ALA A 27 7.84 -7.83 -32.41
CA ALA A 27 6.43 -7.45 -32.68
C ALA A 27 5.57 -7.57 -31.43
N LEU A 28 4.76 -6.55 -31.17
CA LEU A 28 3.73 -6.61 -30.11
C LEU A 28 2.70 -7.68 -30.48
N ALA A 29 1.98 -8.17 -29.48
CA ALA A 29 0.93 -9.19 -29.65
C ALA A 29 -0.35 -8.53 -30.18
N GLU A 30 -1.05 -9.19 -31.11
CA GLU A 30 -2.33 -8.71 -31.67
C GLU A 30 -3.46 -9.63 -31.19
N VAL A 31 -4.48 -9.04 -30.55
CA VAL A 31 -5.71 -9.72 -30.05
C VAL A 31 -6.89 -9.35 -30.95
N ALA A 32 -7.65 -10.33 -31.44
CA ALA A 32 -8.85 -10.12 -32.28
C ALA A 32 -9.97 -9.55 -31.40
N GLU A 33 -10.59 -8.44 -31.83
CA GLU A 33 -11.73 -7.77 -31.16
C GLU A 33 -12.63 -8.79 -30.45
N ASP A 38 -15.99 -10.27 -23.04
CA ASP A 38 -15.86 -11.09 -21.80
C ASP A 38 -14.53 -10.80 -21.10
N GLY A 39 -13.52 -10.29 -21.81
CA GLY A 39 -12.23 -9.90 -21.24
C GLY A 39 -11.07 -10.61 -21.92
N VAL A 40 -9.85 -10.12 -21.67
CA VAL A 40 -8.59 -10.61 -22.29
C VAL A 40 -7.78 -11.33 -21.21
N ALA A 41 -7.44 -12.60 -21.45
CA ALA A 41 -6.48 -13.37 -20.60
C ALA A 41 -5.08 -12.83 -20.86
N VAL A 42 -4.39 -12.37 -19.82
CA VAL A 42 -3.05 -11.76 -19.94
C VAL A 42 -2.09 -12.55 -19.06
N VAL A 43 -1.02 -13.08 -19.64
CA VAL A 43 0.05 -13.80 -18.90
C VAL A 43 1.36 -13.11 -19.25
N ASP A 44 2.13 -12.73 -18.22
CA ASP A 44 3.45 -12.12 -18.47
C ASP A 44 4.53 -13.13 -18.04
N THR A 45 5.46 -13.43 -18.95
CA THR A 45 6.67 -14.22 -18.60
C THR A 45 7.76 -13.25 -18.17
N ILE A 46 8.34 -13.50 -17.00
CA ILE A 46 9.47 -12.71 -16.45
C ILE A 46 10.72 -13.56 -16.61
N HIS A 47 11.67 -13.06 -17.40
CA HIS A 47 13.00 -13.65 -17.62
C HIS A 47 13.96 -12.97 -16.64
N TYR A 48 14.48 -13.70 -15.66
CA TYR A 48 15.33 -13.07 -14.60
C TYR A 48 16.72 -13.67 -14.63
N THR A 49 17.71 -12.84 -14.29
CA THR A 49 19.12 -13.24 -14.00
C THR A 49 19.61 -12.44 -12.80
N GLY A 50 20.59 -12.97 -12.08
CA GLY A 50 21.23 -12.23 -10.96
C GLY A 50 20.31 -12.06 -9.76
N LEU A 51 19.32 -12.93 -9.60
CA LEU A 51 18.57 -13.06 -8.33
C LEU A 51 19.33 -14.07 -7.45
N VAL A 52 18.76 -14.42 -6.30
CA VAL A 52 19.44 -15.30 -5.31
C VAL A 52 18.67 -16.61 -5.26
N GLU A 53 19.32 -17.69 -5.67
CA GLU A 53 18.74 -19.05 -5.77
C GLU A 53 18.03 -19.39 -4.47
N GLY A 54 16.77 -19.83 -4.58
CA GLY A 54 15.97 -20.37 -3.45
C GLY A 54 15.28 -19.26 -2.67
N LYS A 55 15.54 -17.99 -2.98
CA LYS A 55 14.92 -16.87 -2.25
C LYS A 55 13.60 -16.51 -2.88
N GLU A 56 12.67 -16.06 -2.03
CA GLU A 56 11.30 -15.66 -2.41
C GLU A 56 11.26 -14.18 -2.76
N TYR A 57 10.51 -13.85 -3.78
CA TYR A 57 10.32 -12.47 -4.29
C TYR A 57 8.82 -12.19 -4.35
N ASP A 58 8.45 -11.02 -3.83
CA ASP A 58 7.11 -10.42 -4.03
C ASP A 58 7.12 -9.81 -5.43
N VAL A 59 6.37 -10.39 -6.35
CA VAL A 59 6.33 -9.96 -7.77
C VAL A 59 5.01 -9.23 -8.00
N THR A 60 5.09 -8.03 -8.56
CA THR A 60 3.91 -7.20 -8.86
C THR A 60 3.92 -6.88 -10.35
N GLY A 61 2.89 -7.32 -11.05
CA GLY A 61 2.66 -6.95 -12.46
C GLY A 61 1.57 -5.92 -12.57
N THR A 62 1.74 -4.94 -13.44
CA THR A 62 0.74 -3.87 -13.65
C THR A 62 0.49 -3.73 -15.15
N LEU A 63 -0.78 -3.65 -15.52
CA LEU A 63 -1.18 -3.47 -16.93
C LEU A 63 -1.65 -2.03 -17.12
N TYR A 64 -1.03 -1.33 -18.05
CA TYR A 64 -1.39 0.07 -18.38
C TYR A 64 -1.80 0.17 -19.84
N GLU A 65 -2.77 1.03 -20.13
CA GLU A 65 -2.98 1.54 -21.51
C GLU A 65 -1.75 2.35 -21.90
N VAL A 66 -1.30 2.19 -23.14
CA VAL A 66 -0.13 2.93 -23.68
C VAL A 66 -0.49 3.53 -25.03
N LYS A 67 -0.07 4.77 -25.25
CA LYS A 67 -0.26 5.51 -26.53
C LYS A 67 1.11 6.04 -26.97
N ASP A 68 1.66 5.53 -28.08
CA ASP A 68 2.97 5.93 -28.64
C ASP A 68 4.05 5.90 -27.54
N GLY A 69 4.08 4.80 -26.77
CA GLY A 69 5.09 4.59 -25.71
C GLY A 69 4.91 5.54 -24.53
N VAL A 70 3.70 6.05 -24.29
CA VAL A 70 3.34 6.84 -23.09
C VAL A 70 2.15 6.18 -22.39
N VAL A 71 2.33 5.81 -21.12
CA VAL A 71 1.26 5.25 -20.27
C VAL A 71 0.18 6.32 -20.08
N VAL A 72 -1.09 5.94 -20.20
CA VAL A 72 -2.26 6.85 -20.04
C VAL A 72 -3.25 6.23 -19.05
N GLY A 73 -3.66 7.02 -18.05
CA GLY A 73 -4.71 6.65 -17.09
C GLY A 73 -4.21 5.70 -16.02
N ASP A 74 -5.15 5.26 -15.19
CA ASP A 74 -4.90 4.37 -14.03
C ASP A 74 -4.61 2.95 -14.55
N ALA A 75 -3.90 2.16 -13.76
CA ALA A 75 -3.66 0.74 -14.06
C ALA A 75 -5.00 0.09 -14.38
N LYS A 76 -5.02 -0.79 -15.36
CA LYS A 76 -6.21 -1.59 -15.76
C LYS A 76 -6.30 -2.83 -14.88
N ALA A 77 -5.16 -3.33 -14.39
CA ALA A 77 -5.13 -4.55 -13.58
C ALA A 77 -3.78 -4.61 -12.88
N THR A 78 -3.77 -5.17 -11.68
CA THR A 78 -2.51 -5.51 -10.99
C THR A 78 -2.63 -6.96 -10.55
N LYS A 79 -1.51 -7.65 -10.56
CA LYS A 79 -1.43 -9.04 -10.08
C LYS A 79 -0.17 -9.18 -9.26
N THR A 80 -0.27 -9.78 -8.09
CA THR A 80 0.93 -10.10 -7.28
C THR A 80 1.03 -11.61 -7.09
N ALA A 81 2.25 -12.05 -6.86
CA ALA A 81 2.59 -13.46 -6.63
C ALA A 81 3.81 -13.50 -5.74
N VAL A 82 4.03 -14.64 -5.12
CA VAL A 82 5.30 -14.93 -4.40
C VAL A 82 5.99 -16.03 -5.18
N LEU A 83 7.12 -15.70 -5.79
CA LEU A 83 7.86 -16.64 -6.67
C LEU A 83 9.28 -16.81 -6.13
N THR A 84 9.83 -17.99 -6.36
CA THR A 84 11.16 -18.40 -5.87
C THR A 84 12.14 -18.40 -7.04
N ALA A 85 13.31 -17.80 -6.86
CA ALA A 85 14.40 -17.77 -7.84
C ALA A 85 14.95 -19.19 -8.01
N GLY A 86 15.15 -19.61 -9.27
CA GLY A 86 15.69 -20.94 -9.61
C GLY A 86 17.21 -20.99 -9.54
N LYS A 87 17.77 -22.04 -10.14
CA LYS A 87 19.22 -22.38 -10.09
C LYS A 87 20.05 -21.17 -10.55
N ASP A 88 21.11 -20.85 -9.79
CA ASP A 88 22.06 -19.75 -10.12
C ASP A 88 21.32 -18.41 -10.17
N GLY A 89 20.10 -18.33 -9.64
CA GLY A 89 19.30 -17.10 -9.64
C GLY A 89 18.93 -16.65 -11.05
N LYS A 90 18.74 -17.60 -11.97
CA LYS A 90 18.31 -17.38 -13.38
C LYS A 90 17.10 -18.25 -13.66
N GLY A 91 16.24 -17.80 -14.55
CA GLY A 91 15.11 -18.61 -15.02
C GLY A 91 13.98 -17.75 -15.51
N ASP A 92 12.79 -18.34 -15.53
CA ASP A 92 11.56 -17.72 -16.03
C ASP A 92 10.49 -17.90 -14.96
N TRP A 93 9.70 -16.86 -14.74
CA TRP A 93 8.44 -16.90 -13.98
C TRP A 93 7.29 -16.56 -14.92
N GLU A 94 6.13 -17.14 -14.66
CA GLU A 94 4.85 -16.80 -15.33
C GLU A 94 4.03 -16.05 -14.29
N LEU A 95 3.62 -14.83 -14.61
CA LEU A 95 2.65 -14.07 -13.80
C LEU A 95 1.35 -13.99 -14.61
N ASP A 96 0.37 -14.78 -14.20
CA ASP A 96 -0.95 -14.85 -14.86
C ASP A 96 -1.83 -13.78 -14.22
N PHE A 97 -2.26 -12.79 -15.00
CA PHE A 97 -3.19 -11.73 -14.55
C PHE A 97 -4.60 -12.27 -14.51
N GLY A 98 -4.85 -13.42 -15.14
CA GLY A 98 -6.21 -13.92 -15.38
C GLY A 98 -6.87 -13.09 -16.46
N THR A 99 -8.20 -13.13 -16.54
CA THR A 99 -8.99 -12.30 -17.47
C THR A 99 -8.98 -10.86 -16.96
N VAL A 100 -8.69 -9.92 -17.85
CA VAL A 100 -8.75 -8.47 -17.56
C VAL A 100 -9.95 -7.91 -18.32
N GLU A 101 -10.88 -7.31 -17.58
CA GLU A 101 -12.14 -6.75 -18.14
C GLU A 101 -11.92 -5.26 -18.40
N GLY A 102 -12.70 -4.68 -19.31
CA GLY A 102 -12.78 -3.22 -19.52
C GLY A 102 -11.66 -2.68 -20.40
N LEU A 103 -11.02 -3.53 -21.21
CA LEU A 103 -10.06 -3.07 -22.23
C LEU A 103 -10.84 -2.68 -23.48
N GLU A 104 -10.26 -1.85 -24.33
CA GLU A 104 -11.01 -1.14 -25.40
C GLU A 104 -10.43 -1.53 -26.76
N VAL A 105 -11.30 -1.81 -27.72
CA VAL A 105 -10.90 -2.14 -29.11
C VAL A 105 -10.10 -0.96 -29.66
N GLY A 106 -8.98 -1.26 -30.32
CA GLY A 106 -8.11 -0.27 -30.96
C GLY A 106 -7.00 0.20 -30.04
N LYS A 107 -7.05 -0.16 -28.76
CA LYS A 107 -6.09 0.39 -27.78
C LYS A 107 -4.98 -0.62 -27.54
N SER A 108 -3.83 -0.10 -27.13
CA SER A 108 -2.63 -0.90 -26.81
C SER A 108 -2.40 -0.84 -25.30
N TYR A 109 -1.82 -1.90 -24.78
CA TYR A 109 -1.56 -2.08 -23.34
C TYR A 109 -0.14 -2.61 -23.18
N VAL A 110 0.47 -2.23 -22.07
CA VAL A 110 1.84 -2.70 -21.74
C VAL A 110 1.86 -3.20 -20.30
N VAL A 111 2.69 -4.20 -20.07
CA VAL A 111 2.90 -4.77 -18.72
C VAL A 111 4.19 -4.19 -18.14
N TYR A 112 4.10 -3.75 -16.89
CA TYR A 112 5.23 -3.39 -16.02
C TYR A 112 5.39 -4.46 -14.94
N GLU A 113 6.62 -4.74 -14.57
CA GLU A 113 6.93 -5.77 -13.54
C GLU A 113 7.90 -5.20 -12.50
N LYS A 114 7.71 -5.63 -11.27
CA LYS A 114 8.61 -5.35 -10.14
C LYS A 114 8.76 -6.65 -9.36
N ALA A 115 9.96 -6.95 -8.89
CA ALA A 115 10.20 -8.08 -7.96
C ALA A 115 11.02 -7.55 -6.80
N VAL A 116 10.56 -7.78 -5.58
CA VAL A 116 11.26 -7.34 -4.35
C VAL A 116 11.46 -8.56 -3.46
N SER A 117 12.68 -8.84 -3.06
CA SER A 117 12.97 -10.02 -2.20
C SER A 117 12.25 -9.85 -0.85
N LYS A 118 11.78 -10.95 -0.27
CA LYS A 118 11.21 -10.94 1.10
C LYS A 118 12.32 -10.75 2.13
N GLU A 119 13.48 -11.34 1.89
CA GLU A 119 14.64 -11.27 2.83
C GLU A 119 15.59 -10.13 2.42
N ASN A 120 16.40 -9.70 3.37
CA ASN A 120 17.51 -8.75 3.12
C ASN A 120 18.64 -9.49 2.41
N LEU A 121 18.90 -9.14 1.15
CA LEU A 121 19.86 -9.86 0.28
C LEU A 121 20.99 -8.94 -0.14
N VAL A 122 20.87 -7.63 0.12
CA VAL A 122 21.83 -6.60 -0.36
C VAL A 122 22.48 -5.91 0.84
N ASP A 123 23.81 -5.84 0.82
CA ASP A 123 24.63 -5.05 1.78
C ASP A 123 24.87 -3.67 1.16
N ALA A 124 23.99 -2.71 1.44
CA ALA A 124 24.03 -1.37 0.84
C ALA A 124 25.09 -0.48 1.52
N ASP A 125 25.43 -0.72 2.80
CA ASP A 125 26.36 0.18 3.55
C ASP A 125 27.77 -0.43 3.63
N GLY A 126 27.96 -1.65 3.09
CA GLY A 126 29.28 -2.26 2.87
C GLY A 126 29.96 -2.72 4.15
N ASP A 127 29.21 -3.17 5.15
CA ASP A 127 29.76 -3.75 6.40
C ASP A 127 29.73 -5.28 6.30
N LYS A 128 29.42 -5.82 5.11
CA LYS A 128 29.48 -7.27 4.76
C LYS A 128 28.29 -8.02 5.37
N LYS A 129 27.23 -7.31 5.77
CA LYS A 129 25.98 -7.87 6.37
C LYS A 129 24.78 -7.37 5.57
N PRO A 130 24.01 -8.22 4.87
CA PRO A 130 22.86 -7.71 4.12
C PRO A 130 21.82 -7.02 5.04
N GLU A 131 21.29 -5.89 4.60
CA GLU A 131 20.25 -5.14 5.37
C GLU A 131 19.16 -4.58 4.45
N SER A 132 19.23 -4.84 3.13
CA SER A 132 18.30 -4.24 2.15
C SER A 132 17.71 -5.33 1.26
N LYS A 133 16.49 -5.11 0.79
CA LYS A 133 15.82 -6.03 -0.17
CA LYS A 133 15.84 -6.06 -0.16
C LYS A 133 16.52 -5.89 -1.53
N GLN A 134 16.55 -6.98 -2.30
CA GLN A 134 16.88 -6.89 -3.73
C GLN A 134 15.60 -6.50 -4.47
N GLU A 135 15.64 -5.41 -5.24
CA GLU A 135 14.49 -4.91 -6.03
C GLU A 135 14.93 -4.80 -7.49
N VAL A 136 14.18 -5.44 -8.37
CA VAL A 136 14.38 -5.37 -9.84
C VAL A 136 13.07 -4.91 -10.47
N LYS A 137 13.17 -4.07 -11.49
CA LYS A 137 11.99 -3.49 -12.18
C LYS A 137 12.18 -3.61 -13.68
N HIS A 138 11.06 -3.76 -14.40
CA HIS A 138 10.98 -3.61 -15.87
C HIS A 138 9.74 -2.78 -16.19
N GLU A 139 9.97 -1.49 -16.42
CA GLU A 139 8.91 -0.47 -16.58
C GLU A 139 9.24 0.32 -17.85
N ASN A 140 9.10 -0.32 -19.01
CA ASN A 140 9.43 0.29 -20.31
C ASN A 140 8.16 0.38 -21.16
N PRO A 141 7.55 1.57 -21.28
CA PRO A 141 6.30 1.71 -22.02
C PRO A 141 6.45 1.48 -23.52
N ALA A 142 7.69 1.47 -24.04
CA ALA A 142 8.03 1.34 -25.46
C ALA A 142 8.50 -0.09 -25.79
N ASP A 143 8.44 -1.02 -24.83
CA ASP A 143 8.92 -2.40 -25.02
C ASP A 143 7.81 -3.18 -25.76
N LYS A 144 8.01 -3.45 -27.05
CA LYS A 144 6.99 -4.15 -27.87
C LYS A 144 6.80 -5.58 -27.33
N SER A 145 7.79 -6.18 -26.66
CA SER A 145 7.67 -7.56 -26.13
C SER A 145 6.73 -7.60 -24.91
N GLN A 146 6.38 -6.44 -24.33
CA GLN A 146 5.46 -6.34 -23.17
C GLN A 146 4.14 -5.70 -23.57
N THR A 147 3.89 -5.56 -24.88
CA THR A 147 2.76 -4.77 -25.40
C THR A 147 1.81 -5.67 -26.18
N PHE A 148 0.52 -5.41 -26.08
CA PHE A 148 -0.46 -6.00 -27.02
C PHE A 148 -1.42 -4.92 -27.45
N ILE A 149 -2.06 -5.15 -28.59
CA ILE A 149 -3.12 -4.27 -29.17
C ILE A 149 -4.36 -5.11 -29.37
N ILE A 150 -5.53 -4.51 -29.12
CA ILE A 150 -6.84 -5.13 -29.40
C ILE A 150 -7.29 -4.61 -30.78
N LYS A 151 -7.39 -5.51 -31.77
CA LYS A 151 -7.82 -5.20 -33.16
C LYS A 151 -9.35 -5.19 -33.24
N GLU B 9 2.83 20.17 -16.44
CA GLU B 9 4.33 20.06 -16.47
C GLU B 9 4.85 20.11 -15.02
N GLY B 10 4.44 19.14 -14.20
CA GLY B 10 4.65 19.16 -12.74
C GLY B 10 6.09 18.88 -12.37
N LYS B 11 6.65 19.65 -11.44
CA LYS B 11 7.99 19.38 -10.84
C LYS B 11 7.92 19.63 -9.34
N ILE B 12 8.62 18.82 -8.57
CA ILE B 12 8.85 19.13 -7.14
C ILE B 12 10.36 19.04 -6.87
N SER B 13 10.86 20.01 -6.12
CA SER B 13 12.18 19.95 -5.45
C SER B 13 11.91 20.06 -3.96
N THR B 14 12.91 19.79 -3.14
CA THR B 14 12.71 19.76 -1.68
C THR B 14 13.88 20.43 -0.97
N THR B 15 13.60 20.86 0.25
CA THR B 15 14.62 21.32 1.21
C THR B 15 14.29 20.70 2.56
N VAL B 16 15.20 19.90 3.11
CA VAL B 16 14.99 19.34 4.48
C VAL B 16 15.55 20.31 5.51
N LYS B 17 14.88 20.37 6.64
CA LYS B 17 15.35 21.02 7.87
C LYS B 17 15.35 19.95 8.97
N ALA B 18 16.50 19.72 9.58
CA ALA B 18 16.68 18.70 10.64
C ALA B 18 17.10 19.44 11.89
N ASP B 19 16.27 19.39 12.94
CA ASP B 19 16.40 20.28 14.11
C ASP B 19 16.50 21.72 13.56
N ASP B 20 17.56 22.47 13.90
CA ASP B 20 17.67 23.91 13.53
C ASP B 20 18.38 24.08 12.18
N SER B 21 18.74 22.99 11.50
CA SER B 21 19.72 23.01 10.37
C SER B 21 18.99 22.83 9.05
N THR B 22 19.13 23.79 8.13
CA THR B 22 18.51 23.72 6.78
C THR B 22 19.56 23.25 5.77
N ALA B 23 19.22 22.26 4.96
CA ALA B 23 20.08 21.73 3.89
C ALA B 23 20.01 22.65 2.67
N SER B 24 20.97 22.50 1.77
CA SER B 24 20.98 23.19 0.46
C SER B 24 21.66 22.29 -0.57
N GLU B 25 21.63 22.66 -1.85
CA GLU B 25 22.17 21.84 -2.96
C GLU B 25 23.65 21.51 -2.69
N THR B 26 24.36 22.36 -1.94
CA THR B 26 25.82 22.17 -1.74
C THR B 26 26.18 21.90 -0.28
N ALA B 27 25.20 21.73 0.61
CA ALA B 27 25.47 21.49 2.05
C ALA B 27 24.37 20.65 2.68
N LEU B 28 24.73 19.46 3.19
CA LEU B 28 23.81 18.65 4.04
C LEU B 28 23.42 19.49 5.26
N ALA B 29 22.22 19.27 5.78
CA ALA B 29 21.87 19.74 7.12
C ALA B 29 22.67 18.91 8.15
N GLU B 30 23.06 19.53 9.25
CA GLU B 30 23.86 18.83 10.29
C GLU B 30 23.13 18.85 11.63
N VAL B 31 23.06 17.68 12.28
CA VAL B 31 22.41 17.46 13.60
C VAL B 31 23.48 17.00 14.58
N ALA B 32 23.49 17.52 15.81
CA ALA B 32 24.40 17.08 16.90
C ALA B 32 24.05 15.65 17.32
N GLU B 33 25.03 14.88 17.80
CA GLU B 33 24.90 13.48 18.28
C GLU B 33 23.94 13.42 19.48
N GLY B 39 15.42 12.06 19.65
CA GLY B 39 14.83 12.05 18.29
C GLY B 39 15.12 13.33 17.54
N VAL B 40 15.10 13.27 16.21
CA VAL B 40 15.41 14.42 15.31
C VAL B 40 14.09 14.96 14.76
N ALA B 41 13.84 16.25 14.93
CA ALA B 41 12.71 16.96 14.30
C ALA B 41 13.02 17.15 12.81
N VAL B 42 12.21 16.56 11.93
CA VAL B 42 12.43 16.61 10.46
C VAL B 42 11.24 17.33 9.83
N VAL B 43 11.50 18.41 9.11
CA VAL B 43 10.46 19.14 8.32
C VAL B 43 10.97 19.18 6.88
N ASP B 44 10.18 18.70 5.93
CA ASP B 44 10.60 18.77 4.51
C ASP B 44 9.73 19.80 3.80
N THR B 45 10.35 20.78 3.17
CA THR B 45 9.64 21.78 2.34
C THR B 45 9.61 21.23 0.91
N ILE B 46 8.41 21.13 0.36
CA ILE B 46 8.18 20.68 -1.03
C ILE B 46 7.92 21.93 -1.86
N HIS B 47 8.83 22.23 -2.79
CA HIS B 47 8.73 23.34 -3.75
C HIS B 47 8.09 22.78 -5.01
N TYR B 48 6.83 23.09 -5.25
CA TYR B 48 6.08 22.54 -6.39
C TYR B 48 5.86 23.64 -7.44
N THR B 49 5.88 23.22 -8.70
CA THR B 49 5.54 24.05 -9.87
C THR B 49 4.78 23.18 -10.87
N GLY B 50 3.92 23.78 -11.68
CA GLY B 50 3.19 23.07 -12.74
C GLY B 50 2.12 22.15 -12.19
N LEU B 51 1.66 22.37 -10.96
CA LEU B 51 0.45 21.68 -10.45
C LEU B 51 -0.77 22.49 -10.85
N VAL B 52 -1.95 22.09 -10.37
CA VAL B 52 -3.22 22.75 -10.74
C VAL B 52 -3.78 23.45 -9.51
N GLU B 53 -3.91 24.78 -9.59
CA GLU B 53 -4.43 25.64 -8.49
C GLU B 53 -5.74 25.06 -7.96
N GLY B 54 -5.80 24.85 -6.64
CA GLY B 54 -7.02 24.46 -5.90
C GLY B 54 -7.28 22.97 -5.90
N LYS B 55 -6.46 22.19 -6.59
CA LYS B 55 -6.61 20.71 -6.64
C LYS B 55 -5.85 20.08 -5.46
N GLU B 56 -6.39 18.96 -4.98
CA GLU B 56 -5.87 18.17 -3.83
C GLU B 56 -4.89 17.12 -4.35
N TYR B 57 -3.80 16.94 -3.60
CA TYR B 57 -2.73 15.96 -3.88
C TYR B 57 -2.50 15.11 -2.65
N ASP B 58 -2.43 13.81 -2.86
CA ASP B 58 -1.98 12.83 -1.84
C ASP B 58 -0.45 12.94 -1.82
N VAL B 59 0.10 13.45 -0.72
CA VAL B 59 1.56 13.70 -0.61
C VAL B 59 2.12 12.70 0.39
N THR B 60 3.21 12.02 0.00
CA THR B 60 3.89 11.03 0.83
C THR B 60 5.37 11.40 0.88
N GLY B 61 5.89 11.66 2.08
CA GLY B 61 7.32 11.84 2.31
C GLY B 61 7.88 10.62 2.98
N THR B 62 9.08 10.20 2.58
CA THR B 62 9.74 8.98 3.10
C THR B 62 11.17 9.34 3.47
N LEU B 63 11.60 8.91 4.65
CA LEU B 63 12.97 9.14 5.13
C LEU B 63 13.72 7.82 5.08
N TYR B 64 14.85 7.81 4.39
CA TYR B 64 15.76 6.64 4.29
C TYR B 64 17.13 6.98 4.81
N GLU B 65 17.80 6.00 5.43
CA GLU B 65 19.26 6.06 5.61
C GLU B 65 19.87 6.01 4.22
N VAL B 66 20.90 6.82 3.98
CA VAL B 66 21.60 6.82 2.66
C VAL B 66 23.11 6.75 2.94
N LYS B 67 23.81 5.95 2.15
CA LYS B 67 25.28 5.88 2.17
C LYS B 67 25.79 5.95 0.74
N ASP B 68 26.57 6.99 0.44
CA ASP B 68 27.21 7.18 -0.89
C ASP B 68 26.14 6.99 -1.98
N GLY B 69 24.98 7.62 -1.81
CA GLY B 69 23.92 7.70 -2.84
C GLY B 69 23.08 6.44 -2.94
N VAL B 70 23.22 5.49 -2.01
CA VAL B 70 22.39 4.24 -1.98
C VAL B 70 21.55 4.25 -0.70
N VAL B 71 20.25 4.02 -0.84
CA VAL B 71 19.34 3.83 0.32
C VAL B 71 19.74 2.55 1.05
N VAL B 72 19.78 2.63 2.38
CA VAL B 72 20.20 1.50 3.25
C VAL B 72 18.97 1.03 4.04
N GLY B 73 18.48 -0.16 3.73
CA GLY B 73 17.37 -0.79 4.45
C GLY B 73 16.03 -0.14 4.14
N ASP B 74 15.02 -0.50 4.92
CA ASP B 74 13.62 -0.03 4.74
C ASP B 74 13.52 1.42 5.23
N ALA B 75 12.50 2.12 4.77
CA ALA B 75 12.20 3.50 5.23
C ALA B 75 12.21 3.58 6.75
N LYS B 76 12.79 4.65 7.29
CA LYS B 76 12.82 4.93 8.75
C LYS B 76 11.48 5.56 9.18
N ALA B 77 10.87 6.32 8.28
CA ALA B 77 9.67 7.11 8.60
C ALA B 77 8.96 7.50 7.31
N THR B 78 7.65 7.59 7.38
CA THR B 78 6.83 8.20 6.31
C THR B 78 5.84 9.14 6.98
N LYS B 79 5.45 10.15 6.24
CA LYS B 79 4.35 11.06 6.61
C LYS B 79 3.50 11.25 5.37
N THR B 80 2.18 11.12 5.49
CA THR B 80 1.25 11.42 4.37
C THR B 80 0.27 12.50 4.80
N ALA B 81 -0.12 13.33 3.85
CA ALA B 81 -1.06 14.45 4.02
C ALA B 81 -1.81 14.65 2.71
N VAL B 82 -2.97 15.27 2.78
CA VAL B 82 -3.70 15.74 1.57
C VAL B 82 -3.52 17.25 1.53
N LEU B 83 -2.80 17.73 0.53
CA LEU B 83 -2.40 19.15 0.40
C LEU B 83 -3.00 19.72 -0.89
N THR B 84 -3.31 21.02 -0.86
CA THR B 84 -3.96 21.75 -1.97
C THR B 84 -2.90 22.63 -2.63
N ALA B 85 -2.80 22.58 -3.96
CA ALA B 85 -1.90 23.46 -4.74
C ALA B 85 -2.42 24.91 -4.65
N GLY B 86 -1.51 25.85 -4.45
CA GLY B 86 -1.80 27.30 -4.35
C GLY B 86 -1.81 27.96 -5.72
N LYS B 87 -1.69 29.29 -5.73
CA LYS B 87 -1.87 30.16 -6.92
C LYS B 87 -0.98 29.67 -8.07
N ASP B 88 -1.58 29.49 -9.25
CA ASP B 88 -0.87 29.18 -10.51
C ASP B 88 -0.21 27.79 -10.43
N GLY B 89 -0.58 26.98 -9.43
CA GLY B 89 -0.02 25.62 -9.27
C GLY B 89 1.43 25.65 -8.84
N LYS B 90 1.84 26.72 -8.15
CA LYS B 90 3.24 26.98 -7.71
C LYS B 90 3.20 27.36 -6.24
N GLY B 91 4.14 26.83 -5.45
CA GLY B 91 4.25 27.21 -4.04
C GLY B 91 5.06 26.22 -3.25
N ASP B 92 4.94 26.28 -1.94
CA ASP B 92 5.65 25.43 -0.97
C ASP B 92 4.61 24.72 -0.11
N TRP B 93 4.87 23.46 0.16
CA TRP B 93 4.18 22.66 1.19
C TRP B 93 5.21 22.33 2.26
N GLU B 94 4.84 22.48 3.53
CA GLU B 94 5.73 22.08 4.66
C GLU B 94 5.19 20.76 5.20
N LEU B 95 5.89 19.68 4.93
CA LEU B 95 5.55 18.33 5.42
C LEU B 95 6.37 18.05 6.68
N ASP B 96 5.72 18.13 7.82
CA ASP B 96 6.33 17.93 9.15
C ASP B 96 6.30 16.43 9.46
N PHE B 97 7.45 15.79 9.57
CA PHE B 97 7.56 14.38 10.01
C PHE B 97 7.47 14.32 11.53
N GLY B 98 7.54 15.48 12.18
CA GLY B 98 7.71 15.57 13.64
C GLY B 98 9.05 14.98 14.03
N THR B 99 9.08 14.26 15.14
CA THR B 99 10.29 13.60 15.67
C THR B 99 10.46 12.23 15.00
N VAL B 100 11.67 11.95 14.54
CA VAL B 100 12.03 10.60 14.01
C VAL B 100 13.03 9.99 15.00
N GLU B 101 12.64 8.87 15.59
CA GLU B 101 13.44 8.14 16.61
C GLU B 101 14.28 7.07 15.90
N GLY B 102 15.33 6.60 16.59
CA GLY B 102 16.12 5.41 16.21
C GLY B 102 17.17 5.71 15.16
N LEU B 103 17.48 7.00 14.89
CA LEU B 103 18.53 7.38 13.92
C LEU B 103 19.90 7.29 14.60
N GLU B 104 20.95 7.04 13.81
CA GLU B 104 22.28 6.62 14.33
C GLU B 104 23.31 7.74 14.12
N VAL B 105 24.18 7.95 15.12
CA VAL B 105 25.32 8.90 15.02
C VAL B 105 26.19 8.49 13.83
N GLY B 106 26.65 9.48 13.07
CA GLY B 106 27.53 9.30 11.92
C GLY B 106 26.79 8.99 10.64
N LYS B 107 25.50 8.62 10.70
CA LYS B 107 24.73 8.21 9.49
C LYS B 107 24.05 9.42 8.85
N SER B 108 23.75 9.29 7.56
CA SER B 108 23.08 10.31 6.74
C SER B 108 21.71 9.78 6.34
N TYR B 109 20.77 10.69 6.18
CA TYR B 109 19.36 10.38 5.90
C TYR B 109 18.88 11.31 4.81
N VAL B 110 18.06 10.79 3.91
CA VAL B 110 17.55 11.58 2.76
C VAL B 110 16.03 11.46 2.74
N VAL B 111 15.36 12.53 2.33
CA VAL B 111 13.89 12.55 2.19
C VAL B 111 13.54 12.39 0.70
N TYR B 112 12.60 11.49 0.44
CA TYR B 112 11.93 11.33 -0.86
C TYR B 112 10.52 11.89 -0.73
N GLU B 113 10.00 12.47 -1.81
CA GLU B 113 8.62 13.01 -1.85
C GLU B 113 7.91 12.52 -3.10
N LYS B 114 6.61 12.29 -2.97
CA LYS B 114 5.73 11.94 -4.08
C LYS B 114 4.41 12.66 -3.85
N ALA B 115 3.85 13.26 -4.89
CA ALA B 115 2.52 13.89 -4.84
C ALA B 115 1.69 13.31 -6.00
N VAL B 116 0.47 12.87 -5.70
CA VAL B 116 -0.45 12.28 -6.71
C VAL B 116 -1.79 12.98 -6.58
N SER B 117 -2.27 13.64 -7.63
CA SER B 117 -3.58 14.34 -7.62
C SER B 117 -4.68 13.31 -7.36
N LYS B 118 -5.72 13.75 -6.66
CA LYS B 118 -6.96 12.94 -6.50
C LYS B 118 -7.68 12.87 -7.85
N GLU B 119 -7.62 13.93 -8.65
CA GLU B 119 -8.38 14.07 -9.91
C GLU B 119 -7.52 13.73 -11.13
N ASN B 120 -8.18 13.33 -12.22
CA ASN B 120 -7.51 13.12 -13.54
C ASN B 120 -7.33 14.49 -14.19
N LEU B 121 -6.13 15.03 -14.05
CA LEU B 121 -5.76 16.42 -14.39
C LEU B 121 -4.89 16.45 -15.65
N VAL B 122 -4.24 15.36 -16.01
CA VAL B 122 -3.13 15.38 -17.01
C VAL B 122 -3.58 14.73 -18.32
N ASP B 123 -3.29 15.40 -19.42
CA ASP B 123 -3.34 14.87 -20.81
C ASP B 123 -1.95 14.31 -21.13
N ALA B 124 -1.70 13.06 -20.74
CA ALA B 124 -0.38 12.41 -20.82
C ALA B 124 0.02 12.21 -22.29
N ASP B 125 -0.94 11.80 -23.13
CA ASP B 125 -0.75 11.69 -24.60
C ASP B 125 -0.81 13.11 -25.17
N GLY B 126 -1.57 13.37 -26.23
CA GLY B 126 -1.58 14.70 -26.86
C GLY B 126 -2.92 15.13 -27.39
N ASP B 127 -4.02 14.56 -26.88
CA ASP B 127 -5.37 14.71 -27.49
C ASP B 127 -6.18 15.81 -26.80
N LYS B 128 -5.59 16.56 -25.87
CA LYS B 128 -6.17 17.77 -25.23
C LYS B 128 -7.37 17.40 -24.36
N LYS B 129 -7.46 16.14 -23.91
CA LYS B 129 -8.46 15.67 -22.93
C LYS B 129 -7.69 15.07 -21.76
N PRO B 130 -8.02 15.41 -20.50
CA PRO B 130 -7.31 14.85 -19.35
C PRO B 130 -7.76 13.39 -19.14
N GLU B 131 -6.83 12.51 -18.80
CA GLU B 131 -7.18 11.08 -18.51
C GLU B 131 -6.32 10.51 -17.38
N SER B 132 -5.30 11.21 -16.91
CA SER B 132 -4.30 10.66 -15.97
C SER B 132 -4.23 11.52 -14.70
N LYS B 133 -3.99 10.88 -13.55
CA LYS B 133 -3.62 11.61 -12.32
C LYS B 133 -2.28 12.30 -12.55
N GLN B 134 -2.11 13.48 -11.96
CA GLN B 134 -0.80 14.17 -11.98
C GLN B 134 0.04 13.55 -10.87
N GLU B 135 1.14 12.91 -11.25
CA GLU B 135 2.08 12.28 -10.30
C GLU B 135 3.43 12.99 -10.44
N VAL B 136 3.94 13.56 -9.36
CA VAL B 136 5.26 14.25 -9.39
C VAL B 136 6.08 13.65 -8.26
N LYS B 137 7.34 13.34 -8.52
CA LYS B 137 8.20 12.66 -7.52
C LYS B 137 9.52 13.42 -7.42
N HIS B 138 10.15 13.34 -6.26
CA HIS B 138 11.56 13.76 -6.09
C HIS B 138 12.22 12.70 -5.22
N GLU B 139 12.95 11.80 -5.86
CA GLU B 139 13.53 10.59 -5.23
C GLU B 139 15.00 10.54 -5.64
N ASN B 140 15.80 11.45 -5.09
CA ASN B 140 17.23 11.60 -5.47
C ASN B 140 18.07 11.35 -4.22
N PRO B 141 18.68 10.16 -4.09
CA PRO B 141 19.46 9.85 -2.90
C PRO B 141 20.77 10.65 -2.80
N ALA B 142 21.16 11.37 -3.87
CA ALA B 142 22.39 12.19 -3.92
C ALA B 142 22.07 13.68 -3.74
N ASP B 143 20.81 14.05 -3.49
CA ASP B 143 20.39 15.47 -3.39
C ASP B 143 20.71 15.97 -1.99
N LYS B 144 21.78 16.75 -1.86
CA LYS B 144 22.21 17.27 -0.54
C LYS B 144 21.10 18.12 0.08
N SER B 145 20.24 18.77 -0.72
CA SER B 145 19.18 19.66 -0.17
C SER B 145 18.11 18.82 0.55
N GLN B 146 18.10 17.49 0.36
CA GLN B 146 17.12 16.59 1.00
C GLN B 146 17.80 15.72 2.06
N THR B 147 19.06 16.00 2.39
CA THR B 147 19.88 15.10 3.23
C THR B 147 20.33 15.79 4.52
N PHE B 148 20.38 15.04 5.59
CA PHE B 148 21.03 15.49 6.84
C PHE B 148 21.94 14.39 7.36
N ILE B 149 22.93 14.80 8.15
CA ILE B 149 23.90 13.89 8.78
C ILE B 149 23.85 14.14 10.27
N ILE B 150 23.91 13.09 11.06
CA ILE B 150 24.01 13.19 12.54
C ILE B 150 25.50 13.17 12.89
N LYS B 151 26.04 14.31 13.33
CA LYS B 151 27.49 14.53 13.59
C LYS B 151 27.81 14.17 15.05
N PRO C 4 4.25 -27.60 21.69
CA PRO C 4 3.99 -26.60 20.64
C PRO C 4 4.70 -25.25 20.89
N TYR C 5 4.95 -24.53 19.79
CA TYR C 5 5.50 -23.15 19.80
C TYR C 5 4.47 -22.21 20.44
N VAL C 6 4.89 -21.41 21.41
CA VAL C 6 3.97 -20.48 22.13
C VAL C 6 4.04 -19.12 21.43
N ASN C 7 2.96 -18.76 20.74
CA ASN C 7 2.89 -17.51 19.94
C ASN C 7 2.75 -16.31 20.86
N PRO C 8 3.38 -15.17 20.51
CA PRO C 8 3.20 -13.95 21.29
C PRO C 8 1.76 -13.43 21.15
N GLU C 9 1.24 -12.82 22.21
CA GLU C 9 -0.16 -12.33 22.33
C GLU C 9 -0.09 -10.83 22.65
N GLY C 10 -0.11 -10.01 21.62
CA GLY C 10 0.17 -8.57 21.75
C GLY C 10 -1.10 -7.77 21.97
N LYS C 11 -0.96 -6.63 22.62
CA LYS C 11 -2.08 -5.71 22.91
C LYS C 11 -1.52 -4.29 22.88
N ILE C 12 -2.25 -3.37 22.26
CA ILE C 12 -1.90 -1.93 22.23
C ILE C 12 -3.05 -1.14 22.83
N SER C 13 -2.72 -0.23 23.74
CA SER C 13 -3.58 0.92 24.11
C SER C 13 -2.83 2.18 23.69
N THR C 14 -3.53 3.29 23.62
CA THR C 14 -2.96 4.54 23.12
C THR C 14 -3.45 5.73 23.94
N THR C 15 -2.71 6.81 23.85
CA THR C 15 -3.07 8.13 24.42
C THR C 15 -2.67 9.19 23.41
N VAL C 16 -3.63 9.94 22.89
CA VAL C 16 -3.31 11.07 21.98
C VAL C 16 -3.09 12.35 22.80
N LYS C 17 -2.13 13.16 22.36
CA LYS C 17 -1.90 14.54 22.81
C LYS C 17 -2.01 15.42 21.58
N ALA C 18 -2.92 16.39 21.59
CA ALA C 18 -3.18 17.32 20.46
C ALA C 18 -2.97 18.76 20.95
N ASP C 19 -2.03 19.50 20.36
CA ASP C 19 -1.62 20.87 20.82
C ASP C 19 -1.55 20.87 22.35
N ASP C 20 -0.85 19.88 22.93
CA ASP C 20 -0.45 19.78 24.36
C ASP C 20 -1.60 19.30 25.25
N SER C 21 -2.79 19.05 24.69
CA SER C 21 -3.94 18.49 25.44
CA SER C 21 -3.95 18.49 25.43
C SER C 21 -3.91 16.96 25.37
N THR C 22 -3.87 16.29 26.52
CA THR C 22 -3.80 14.81 26.61
C THR C 22 -5.21 14.25 26.81
N ALA C 23 -5.59 13.29 25.97
CA ALA C 23 -6.92 12.64 26.02
C ALA C 23 -6.93 11.57 27.12
N SER C 24 -8.13 11.17 27.56
CA SER C 24 -8.29 10.08 28.55
C SER C 24 -9.58 9.30 28.28
N GLU C 25 -9.73 8.15 28.95
CA GLU C 25 -10.91 7.25 28.82
C GLU C 25 -12.21 8.05 28.97
N THR C 26 -12.22 9.10 29.82
CA THR C 26 -13.46 9.83 30.19
C THR C 26 -13.52 11.21 29.52
N ALA C 27 -12.45 11.70 28.88
CA ALA C 27 -12.42 13.06 28.30
C ALA C 27 -11.54 13.13 27.04
N LEU C 28 -12.16 13.48 25.91
CA LEU C 28 -11.46 13.86 24.66
C LEU C 28 -10.43 14.94 25.00
N ALA C 29 -9.28 14.89 24.33
CA ALA C 29 -8.35 16.03 24.27
C ALA C 29 -9.08 17.20 23.59
N GLU C 30 -8.89 18.41 24.09
CA GLU C 30 -9.55 19.61 23.52
C GLU C 30 -8.48 20.54 22.96
N VAL C 31 -8.70 21.02 21.74
CA VAL C 31 -7.82 21.99 21.05
C VAL C 31 -8.64 23.27 20.83
N ALA C 32 -8.14 24.42 21.31
CA ALA C 32 -8.79 25.73 21.12
C ALA C 32 -8.63 26.16 19.66
N GLU C 33 -9.73 26.62 19.05
CA GLU C 33 -9.75 27.17 17.67
C GLU C 33 -8.66 28.25 17.53
N ALA C 34 -8.39 29.02 18.60
CA ALA C 34 -7.37 30.09 18.64
C ALA C 34 -5.95 29.53 18.38
N SER C 35 -5.70 28.25 18.66
CA SER C 35 -4.35 27.62 18.52
C SER C 35 -4.16 26.95 17.15
N VAL C 36 -5.19 26.84 16.30
CA VAL C 36 -5.12 25.97 15.08
C VAL C 36 -4.72 26.77 13.85
N GLY C 37 -4.34 28.04 13.97
CA GLY C 37 -3.92 28.85 12.80
C GLY C 37 -2.75 28.22 12.05
N ASP C 38 -1.88 27.51 12.77
CA ASP C 38 -0.66 26.85 12.24
C ASP C 38 -0.83 25.33 12.22
N GLY C 39 -2.07 24.84 12.19
CA GLY C 39 -2.39 23.41 12.26
C GLY C 39 -2.39 22.89 13.69
N VAL C 40 -2.42 21.57 13.84
CA VAL C 40 -2.50 20.88 15.15
C VAL C 40 -1.34 19.90 15.25
N ALA C 41 -0.52 20.02 16.28
CA ALA C 41 0.57 19.08 16.61
C ALA C 41 -0.07 17.85 17.28
N VAL C 42 0.07 16.67 16.68
CA VAL C 42 -0.55 15.42 17.18
C VAL C 42 0.56 14.44 17.53
N VAL C 43 0.56 13.95 18.76
CA VAL C 43 1.51 12.90 19.22
C VAL C 43 0.69 11.79 19.84
N ASP C 44 0.92 10.54 19.41
CA ASP C 44 0.19 9.38 19.95
C ASP C 44 1.17 8.50 20.70
N THR C 45 0.91 8.25 21.98
CA THR C 45 1.70 7.30 22.77
C THR C 45 1.06 5.93 22.61
N ILE C 46 1.89 4.95 22.24
CA ILE C 46 1.48 3.54 22.07
C ILE C 46 1.99 2.80 23.31
N HIS C 47 1.06 2.28 24.08
CA HIS C 47 1.35 1.44 25.28
C HIS C 47 1.23 -0.01 24.82
N TYR C 48 2.35 -0.69 24.65
CA TYR C 48 2.33 -2.06 24.07
C TYR C 48 2.66 -3.07 25.17
N THR C 49 2.04 -4.25 25.07
CA THR C 49 2.31 -5.43 25.91
C THR C 49 2.30 -6.65 25.00
N GLY C 50 3.04 -7.69 25.38
CA GLY C 50 3.04 -8.98 24.65
C GLY C 50 3.67 -8.89 23.27
N LEU C 51 4.54 -7.91 23.05
CA LEU C 51 5.39 -7.92 21.84
C LEU C 51 6.63 -8.76 22.17
N VAL C 52 7.56 -8.86 21.22
CA VAL C 52 8.77 -9.71 21.41
C VAL C 52 9.96 -8.77 21.63
N GLU C 53 10.54 -8.85 22.81
CA GLU C 53 11.69 -7.99 23.20
C GLU C 53 12.77 -8.03 22.11
N GLY C 54 13.27 -6.86 21.71
CA GLY C 54 14.42 -6.72 20.79
C GLY C 54 14.01 -6.80 19.32
N LYS C 55 12.73 -7.00 19.02
CA LYS C 55 12.24 -7.13 17.63
C LYS C 55 11.73 -5.77 17.11
N GLU C 56 11.93 -5.54 15.82
CA GLU C 56 11.50 -4.30 15.14
C GLU C 56 10.07 -4.48 14.64
N TYR C 57 9.28 -3.41 14.76
CA TYR C 57 7.89 -3.32 14.30
C TYR C 57 7.76 -2.12 13.37
N ASP C 58 7.11 -2.35 12.23
CA ASP C 58 6.56 -1.28 11.36
C ASP C 58 5.31 -0.76 12.05
N VAL C 59 5.35 0.48 12.53
CA VAL C 59 4.25 1.13 13.25
C VAL C 59 3.61 2.14 12.31
N THR C 60 2.29 2.06 12.14
CA THR C 60 1.51 3.00 11.29
C THR C 60 0.42 3.62 12.15
N GLY C 61 0.47 4.94 12.33
CA GLY C 61 -0.61 5.73 12.94
C GLY C 61 -1.40 6.41 11.87
N THR C 62 -2.72 6.38 12.00
CA THR C 62 -3.63 7.03 11.05
C THR C 62 -4.60 7.92 11.84
N LEU C 63 -4.79 9.15 11.37
CA LEU C 63 -5.73 10.11 11.98
C LEU C 63 -6.98 10.18 11.12
N TYR C 64 -8.13 9.90 11.69
CA TYR C 64 -9.43 9.94 10.98
C TYR C 64 -10.38 10.91 11.67
N GLU C 65 -11.17 11.62 10.88
CA GLU C 65 -12.41 12.26 11.38
C GLU C 65 -13.38 11.14 11.73
N VAL C 66 -14.01 11.24 12.90
N VAL C 66 -14.00 11.22 12.90
CA VAL C 66 -14.98 10.23 13.40
CA VAL C 66 -14.99 10.21 13.38
C VAL C 66 -16.26 10.93 13.84
C VAL C 66 -16.25 10.93 13.83
N LYS C 67 -17.40 10.34 13.51
CA LYS C 67 -18.72 10.82 13.98
C LYS C 67 -19.55 9.59 14.33
N ASP C 68 -19.95 9.48 15.60
CA ASP C 68 -20.82 8.39 16.11
C ASP C 68 -20.21 7.03 15.74
N GLY C 69 -18.89 6.88 15.88
CA GLY C 69 -18.18 5.58 15.70
C GLY C 69 -18.03 5.18 14.24
N VAL C 70 -18.18 6.14 13.32
CA VAL C 70 -17.96 5.91 11.86
C VAL C 70 -16.84 6.85 11.40
N VAL C 71 -15.86 6.33 10.66
CA VAL C 71 -14.80 7.12 9.99
C VAL C 71 -15.44 7.94 8.88
N VAL C 72 -15.17 9.25 8.85
CA VAL C 72 -15.72 10.21 7.86
C VAL C 72 -14.60 10.57 6.87
N GLY C 73 -14.75 10.17 5.61
CA GLY C 73 -13.81 10.53 4.54
C GLY C 73 -12.48 9.81 4.67
N ASP C 74 -11.48 10.30 3.96
CA ASP C 74 -10.12 9.72 3.87
C ASP C 74 -9.33 10.10 5.13
N ALA C 75 -8.28 9.35 5.44
CA ALA C 75 -7.33 9.70 6.53
C ALA C 75 -6.90 11.15 6.38
N LYS C 76 -6.78 11.87 7.50
CA LYS C 76 -6.27 13.26 7.54
C LYS C 76 -4.74 13.26 7.54
N ALA C 77 -4.13 12.20 8.07
CA ALA C 77 -2.67 12.09 8.20
C ALA C 77 -2.32 10.64 8.50
N THR C 78 -1.18 10.20 8.00
CA THR C 78 -0.57 8.91 8.42
CA THR C 78 -0.57 8.91 8.40
C THR C 78 0.89 9.19 8.76
N LYS C 79 1.38 8.47 9.75
CA LYS C 79 2.78 8.54 10.18
C LYS C 79 3.23 7.10 10.41
N THR C 80 4.38 6.75 9.87
CA THR C 80 5.01 5.44 10.11
C THR C 80 6.38 5.63 10.74
N ALA C 81 6.78 4.60 11.48
CA ALA C 81 8.07 4.52 12.17
C ALA C 81 8.48 3.07 12.25
N VAL C 82 9.74 2.84 12.52
CA VAL C 82 10.30 1.49 12.78
C VAL C 82 10.81 1.54 14.21
N LEU C 83 10.14 0.80 15.08
CA LEU C 83 10.35 0.92 16.54
C LEU C 83 10.65 -0.46 17.11
N THR C 84 11.49 -0.53 18.13
CA THR C 84 11.97 -1.78 18.72
C THR C 84 11.24 -1.99 20.04
N ALA C 85 10.72 -3.19 20.26
CA ALA C 85 10.05 -3.56 21.52
C ALA C 85 11.11 -3.65 22.62
N GLY C 86 10.79 -3.06 23.77
CA GLY C 86 11.69 -3.00 24.93
C GLY C 86 11.54 -4.21 25.84
N LYS C 87 12.09 -4.08 27.06
CA LYS C 87 12.22 -5.15 28.06
C LYS C 87 10.89 -5.90 28.20
N ASP C 88 10.92 -7.23 28.07
CA ASP C 88 9.77 -8.13 28.32
C ASP C 88 8.66 -7.87 27.27
N GLY C 89 8.96 -7.16 26.19
CA GLY C 89 7.96 -6.91 25.13
C GLY C 89 6.87 -5.96 25.59
N LYS C 90 7.14 -5.13 26.59
CA LYS C 90 6.21 -4.10 27.12
C LYS C 90 6.94 -2.77 27.18
N GLY C 91 6.19 -1.70 26.94
CA GLY C 91 6.67 -0.32 27.12
C GLY C 91 5.82 0.66 26.35
N ASP C 92 6.40 1.82 26.11
CA ASP C 92 5.75 2.98 25.44
C ASP C 92 6.56 3.34 24.21
N TRP C 93 5.86 3.63 23.12
CA TRP C 93 6.42 4.32 21.93
C TRP C 93 5.69 5.65 21.76
N GLU C 94 6.40 6.72 21.43
CA GLU C 94 5.77 8.01 21.07
C GLU C 94 5.82 8.12 19.55
N LEU C 95 4.66 8.18 18.91
CA LEU C 95 4.59 8.39 17.44
C LEU C 95 4.14 9.83 17.21
N ASP C 96 5.07 10.67 16.78
CA ASP C 96 4.83 12.11 16.54
C ASP C 96 4.36 12.25 15.08
N PHE C 97 3.13 12.68 14.87
CA PHE C 97 2.57 12.98 13.52
C PHE C 97 3.13 14.32 13.03
N GLY C 98 3.71 15.12 13.92
CA GLY C 98 4.01 16.54 13.65
C GLY C 98 2.74 17.34 13.44
N THR C 99 2.86 18.47 12.75
CA THR C 99 1.73 19.35 12.40
C THR C 99 0.81 18.65 11.40
N VAL C 100 -0.48 18.65 11.69
CA VAL C 100 -1.54 18.21 10.76
C VAL C 100 -2.36 19.44 10.38
N GLU C 101 -2.42 19.76 9.08
CA GLU C 101 -3.23 20.87 8.52
C GLU C 101 -4.60 20.31 8.10
N GLY C 102 -5.59 21.19 7.98
CA GLY C 102 -6.87 20.87 7.33
C GLY C 102 -7.90 20.26 8.28
N LEU C 103 -7.63 20.24 9.59
CA LEU C 103 -8.64 19.79 10.58
C LEU C 103 -9.64 20.93 10.79
N GLU C 104 -10.89 20.58 11.08
CA GLU C 104 -12.01 21.54 11.10
C GLU C 104 -12.53 21.71 12.53
N VAL C 105 -12.89 22.96 12.86
CA VAL C 105 -13.51 23.36 14.15
C VAL C 105 -14.82 22.56 14.31
N GLY C 106 -15.06 22.03 15.51
CA GLY C 106 -16.29 21.31 15.86
C GLY C 106 -16.22 19.83 15.55
N LYS C 107 -15.19 19.36 14.85
CA LYS C 107 -15.11 17.94 14.43
C LYS C 107 -14.20 17.18 15.39
N SER C 108 -14.46 15.89 15.56
CA SER C 108 -13.68 14.96 16.40
C SER C 108 -12.79 14.11 15.51
N TYR C 109 -11.58 13.83 16.00
CA TYR C 109 -10.56 13.05 15.26
C TYR C 109 -10.00 11.98 16.17
N VAL C 110 -9.79 10.80 15.62
CA VAL C 110 -9.29 9.64 16.39
C VAL C 110 -8.01 9.14 15.73
N VAL C 111 -7.10 8.66 16.55
CA VAL C 111 -5.87 7.98 16.07
C VAL C 111 -6.11 6.46 16.11
N TYR C 112 -5.83 5.80 14.99
CA TYR C 112 -5.73 4.33 14.83
C TYR C 112 -4.24 3.98 14.81
N GLU C 113 -3.87 2.84 15.40
CA GLU C 113 -2.47 2.37 15.43
C GLU C 113 -2.41 0.93 14.96
N LYS C 114 -1.37 0.59 14.22
CA LYS C 114 -1.03 -0.78 13.80
C LYS C 114 0.47 -0.98 14.00
N ALA C 115 0.87 -2.12 14.54
CA ALA C 115 2.29 -2.53 14.64
C ALA C 115 2.43 -3.91 14.03
N VAL C 116 3.33 -4.05 13.07
CA VAL C 116 3.59 -5.32 12.36
C VAL C 116 5.08 -5.61 12.45
N SER C 117 5.44 -6.76 13.01
CA SER C 117 6.86 -7.17 13.12
C SER C 117 7.47 -7.26 11.72
N LYS C 118 8.75 -6.91 11.61
CA LYS C 118 9.54 -7.12 10.37
C LYS C 118 9.83 -8.61 10.22
N GLU C 119 10.09 -9.32 11.32
CA GLU C 119 10.47 -10.76 11.30
C GLU C 119 9.21 -11.63 11.50
N ASN C 120 9.31 -12.89 11.12
CA ASN C 120 8.25 -13.89 11.38
C ASN C 120 8.35 -14.29 12.85
N LEU C 121 7.34 -13.96 13.65
CA LEU C 121 7.36 -14.18 15.12
C LEU C 121 6.25 -15.15 15.53
N VAL C 122 5.38 -15.53 14.60
CA VAL C 122 4.17 -16.34 14.90
C VAL C 122 4.20 -17.62 14.07
N ASP C 123 3.98 -18.75 14.73
CA ASP C 123 3.80 -20.08 14.09
C ASP C 123 2.29 -20.33 13.94
N ALA C 124 1.69 -19.87 12.83
CA ALA C 124 0.24 -20.00 12.56
C ALA C 124 -0.12 -21.42 12.13
N ASP C 125 0.83 -22.20 11.59
CA ASP C 125 0.51 -23.50 10.93
C ASP C 125 0.96 -24.70 11.77
N GLY C 126 1.62 -24.48 12.92
CA GLY C 126 1.82 -25.49 13.98
C GLY C 126 2.98 -26.45 13.72
N ASP C 127 3.96 -26.09 12.89
CA ASP C 127 5.17 -26.93 12.64
C ASP C 127 6.34 -26.44 13.51
N LYS C 128 6.08 -25.50 14.43
CA LYS C 128 7.03 -25.00 15.46
C LYS C 128 8.13 -24.12 14.82
N LYS C 129 7.93 -23.64 13.59
CA LYS C 129 8.82 -22.66 12.93
C LYS C 129 7.99 -21.43 12.61
N PRO C 130 8.26 -20.23 13.17
CA PRO C 130 7.44 -19.06 12.85
C PRO C 130 7.50 -18.77 11.34
N GLU C 131 6.34 -18.41 10.78
CA GLU C 131 6.24 -18.07 9.33
C GLU C 131 5.35 -16.84 9.12
N SER C 132 4.81 -16.25 10.20
CA SER C 132 3.86 -15.11 10.11
C SER C 132 4.39 -13.95 10.96
N LYS C 133 4.07 -12.74 10.54
CA LYS C 133 4.40 -11.51 11.31
CA LYS C 133 4.39 -11.51 11.30
C LYS C 133 3.45 -11.43 12.50
N GLN C 134 3.92 -10.86 13.61
CA GLN C 134 3.02 -10.46 14.71
C GLN C 134 2.39 -9.12 14.33
N GLU C 135 1.07 -9.07 14.26
CA GLU C 135 0.31 -7.85 13.91
C GLU C 135 -0.62 -7.51 15.08
N VAL C 136 -0.47 -6.30 15.60
CA VAL C 136 -1.29 -5.79 16.74
C VAL C 136 -1.89 -4.46 16.30
N LYS C 137 -3.19 -4.32 16.46
CA LYS C 137 -3.93 -3.11 16.05
C LYS C 137 -4.69 -2.55 17.25
N HIS C 138 -4.85 -1.24 17.26
CA HIS C 138 -5.82 -0.53 18.11
C HIS C 138 -6.57 0.48 17.25
N GLU C 139 -7.76 0.10 16.80
CA GLU C 139 -8.56 0.86 15.81
C GLU C 139 -9.95 1.01 16.41
N ASN C 140 -10.08 1.81 17.45
CA ASN C 140 -11.36 1.92 18.18
C ASN C 140 -11.87 3.35 18.04
N PRO C 141 -12.91 3.58 17.21
CA PRO C 141 -13.43 4.93 16.99
C PRO C 141 -14.14 5.51 18.22
N ALA C 142 -14.42 4.68 19.23
CA ALA C 142 -15.13 5.04 20.49
C ALA C 142 -14.14 5.29 21.64
N ASP C 143 -12.82 5.16 21.39
CA ASP C 143 -11.81 5.30 22.47
C ASP C 143 -11.49 6.77 22.65
N LYS C 144 -12.07 7.40 23.67
CA LYS C 144 -11.88 8.85 23.92
C LYS C 144 -10.41 9.15 24.19
N SER C 145 -9.63 8.21 24.73
CA SER C 145 -8.20 8.44 25.01
C SER C 145 -7.41 8.58 23.71
N GLN C 146 -7.98 8.21 22.56
CA GLN C 146 -7.33 8.35 21.23
C GLN C 146 -7.97 9.50 20.45
N THR C 147 -8.83 10.30 21.07
CA THR C 147 -9.70 11.26 20.34
C THR C 147 -9.40 12.68 20.79
N PHE C 148 -9.51 13.64 19.88
CA PHE C 148 -9.50 15.06 20.23
C PHE C 148 -10.56 15.79 19.42
N ILE C 149 -10.97 16.94 19.95
CA ILE C 149 -11.99 17.81 19.32
C ILE C 149 -11.40 19.22 19.25
N ILE C 150 -11.67 19.93 18.16
CA ILE C 150 -11.30 21.38 18.03
C ILE C 150 -12.53 22.18 18.46
N LYS C 151 -12.42 22.92 19.57
CA LYS C 151 -13.53 23.65 20.23
C LYS C 151 -13.57 25.09 19.70
N TYR D 5 -30.65 12.69 0.58
CA TYR D 5 -29.65 11.68 0.08
C TYR D 5 -29.72 10.42 0.96
N VAL D 6 -30.06 9.29 0.34
CA VAL D 6 -30.08 7.95 1.00
C VAL D 6 -28.72 7.27 0.75
N ASN D 7 -28.02 6.89 1.81
CA ASN D 7 -26.73 6.17 1.71
C ASN D 7 -26.97 4.79 1.12
N PRO D 8 -26.08 4.30 0.23
CA PRO D 8 -26.14 2.93 -0.23
C PRO D 8 -25.69 1.99 0.89
N GLU D 9 -26.29 0.81 0.96
CA GLU D 9 -26.07 -0.18 2.05
C GLU D 9 -25.59 -1.48 1.39
N GLY D 10 -24.28 -1.63 1.28
CA GLY D 10 -23.65 -2.68 0.47
C GLY D 10 -23.33 -3.93 1.27
N LYS D 11 -23.34 -5.07 0.59
CA LYS D 11 -22.96 -6.37 1.16
C LYS D 11 -22.36 -7.21 0.04
N ILE D 12 -21.29 -7.93 0.38
N ILE D 12 -21.28 -7.94 0.34
CA ILE D 12 -20.64 -8.92 -0.53
CA ILE D 12 -20.72 -8.91 -0.63
C ILE D 12 -20.68 -10.29 0.14
C ILE D 12 -20.54 -10.26 0.05
N SER D 13 -20.90 -11.32 -0.68
CA SER D 13 -20.51 -12.71 -0.39
C SER D 13 -19.72 -13.21 -1.58
N THR D 14 -19.09 -14.35 -1.42
CA THR D 14 -18.20 -14.88 -2.47
C THR D 14 -18.39 -16.38 -2.63
N THR D 15 -17.98 -16.86 -3.79
CA THR D 15 -17.88 -18.29 -4.13
C THR D 15 -16.59 -18.47 -4.92
N VAL D 16 -15.68 -19.29 -4.40
CA VAL D 16 -14.42 -19.61 -5.10
C VAL D 16 -14.62 -20.85 -5.96
N LYS D 17 -14.04 -20.82 -7.15
CA LYS D 17 -13.87 -22.00 -8.03
C LYS D 17 -12.36 -22.19 -8.19
N ALA D 18 -11.88 -23.39 -7.90
CA ALA D 18 -10.46 -23.75 -7.99
C ALA D 18 -10.36 -24.92 -8.96
N ASP D 19 -9.64 -24.75 -10.06
CA ASP D 19 -9.66 -25.72 -11.19
C ASP D 19 -11.15 -26.00 -11.50
N ASP D 20 -11.61 -27.24 -11.49
CA ASP D 20 -13.00 -27.57 -11.93
C ASP D 20 -13.99 -27.48 -10.77
N SER D 21 -13.56 -27.12 -9.56
CA SER D 21 -14.33 -27.37 -8.31
C SER D 21 -14.88 -26.07 -7.74
N THR D 22 -16.19 -26.01 -7.51
CA THR D 22 -16.85 -24.83 -6.89
C THR D 22 -17.11 -25.12 -5.41
N ALA D 23 -16.70 -24.20 -4.55
CA ALA D 23 -16.99 -24.25 -3.09
C ALA D 23 -18.46 -23.89 -2.85
N SER D 24 -18.94 -24.22 -1.66
CA SER D 24 -20.31 -23.89 -1.23
C SER D 24 -20.29 -23.55 0.25
N GLU D 25 -21.43 -23.16 0.79
CA GLU D 25 -21.53 -22.67 2.18
C GLU D 25 -20.86 -23.68 3.13
N THR D 26 -21.08 -24.98 2.96
CA THR D 26 -20.62 -26.00 3.95
C THR D 26 -19.52 -26.91 3.37
N ALA D 27 -18.95 -26.60 2.21
CA ALA D 27 -17.90 -27.46 1.61
C ALA D 27 -16.83 -26.64 0.90
N LEU D 28 -15.56 -26.90 1.23
CA LEU D 28 -14.41 -26.33 0.48
C LEU D 28 -14.47 -26.88 -0.94
N ALA D 29 -13.96 -26.11 -1.90
CA ALA D 29 -13.59 -26.64 -3.23
C ALA D 29 -12.39 -27.59 -3.03
N GLU D 30 -12.35 -28.67 -3.80
CA GLU D 30 -11.25 -29.66 -3.72
C GLU D 30 -10.57 -29.73 -5.08
N VAL D 31 -9.26 -29.53 -5.10
CA VAL D 31 -8.41 -29.60 -6.31
C VAL D 31 -7.59 -30.90 -6.26
N ALA D 32 -7.55 -31.64 -7.37
CA ALA D 32 -6.71 -32.85 -7.57
C ALA D 32 -5.27 -32.46 -7.97
N GLU D 33 -4.27 -33.05 -7.31
CA GLU D 33 -2.82 -32.85 -7.60
C GLU D 33 -2.55 -33.25 -9.05
N GLY D 39 0.12 -25.47 -11.24
CA GLY D 39 -0.63 -24.26 -10.82
C GLY D 39 -2.09 -24.57 -10.59
N VAL D 40 -2.77 -23.71 -9.83
CA VAL D 40 -4.24 -23.84 -9.57
C VAL D 40 -4.91 -22.62 -10.19
N ALA D 41 -5.86 -22.85 -11.09
CA ALA D 41 -6.72 -21.79 -11.66
C ALA D 41 -7.74 -21.38 -10.60
N VAL D 42 -7.73 -20.12 -10.18
CA VAL D 42 -8.59 -19.61 -9.08
C VAL D 42 -9.47 -18.49 -9.63
N VAL D 43 -10.77 -18.66 -9.53
CA VAL D 43 -11.75 -17.64 -9.98
C VAL D 43 -12.70 -17.40 -8.81
N ASP D 44 -12.77 -16.16 -8.35
CA ASP D 44 -13.69 -15.83 -7.24
C ASP D 44 -14.89 -15.07 -7.79
N THR D 45 -16.09 -15.55 -7.52
CA THR D 45 -17.33 -14.82 -7.86
C THR D 45 -17.70 -13.96 -6.66
N ILE D 46 -17.88 -12.68 -6.90
CA ILE D 46 -18.33 -11.70 -5.89
C ILE D 46 -19.82 -11.47 -6.12
N HIS D 47 -20.63 -11.87 -5.16
CA HIS D 47 -22.08 -11.62 -5.15
C HIS D 47 -22.31 -10.33 -4.38
N TYR D 48 -22.71 -9.25 -5.05
CA TYR D 48 -22.84 -7.92 -4.42
C TYR D 48 -24.29 -7.47 -4.46
N THR D 49 -24.69 -6.79 -3.39
CA THR D 49 -26.00 -6.09 -3.29
C THR D 49 -25.76 -4.72 -2.67
N GLY D 50 -26.63 -3.76 -2.95
CA GLY D 50 -26.60 -2.43 -2.33
C GLY D 50 -25.39 -1.61 -2.74
N LEU D 51 -24.81 -1.88 -3.90
CA LEU D 51 -23.85 -0.95 -4.52
C LEU D 51 -24.67 0.06 -5.32
N VAL D 52 -24.01 0.97 -6.02
CA VAL D 52 -24.69 2.04 -6.79
C VAL D 52 -24.50 1.74 -8.29
N GLU D 53 -25.61 1.43 -8.97
CA GLU D 53 -25.64 1.11 -10.41
C GLU D 53 -24.81 2.17 -11.15
N GLY D 54 -23.87 1.71 -11.99
CA GLY D 54 -23.10 2.55 -12.92
C GLY D 54 -21.88 3.17 -12.26
N LYS D 55 -21.64 2.90 -10.97
CA LYS D 55 -20.45 3.44 -10.27
C LYS D 55 -19.33 2.42 -10.32
N GLU D 56 -18.10 2.91 -10.42
CA GLU D 56 -16.86 2.09 -10.49
C GLU D 56 -16.36 1.82 -9.08
N TYR D 57 -15.86 0.61 -8.86
CA TYR D 57 -15.28 0.12 -7.60
C TYR D 57 -13.89 -0.44 -7.88
N ASP D 58 -12.92 -0.01 -7.10
CA ASP D 58 -11.59 -0.67 -6.98
C ASP D 58 -11.79 -1.97 -6.21
N VAL D 59 -11.63 -3.10 -6.88
CA VAL D 59 -11.85 -4.44 -6.29
C VAL D 59 -10.49 -5.10 -6.11
N THR D 60 -10.24 -5.61 -4.91
CA THR D 60 -8.98 -6.30 -4.55
C THR D 60 -9.36 -7.67 -4.00
N GLY D 61 -8.94 -8.72 -4.69
CA GLY D 61 -9.02 -10.10 -4.18
C GLY D 61 -7.66 -10.53 -3.65
N THR D 62 -7.63 -11.21 -2.53
CA THR D 62 -6.37 -11.64 -1.88
C THR D 62 -6.51 -13.11 -1.53
N LEU D 63 -5.53 -13.93 -1.88
CA LEU D 63 -5.51 -15.36 -1.56
C LEU D 63 -4.51 -15.58 -0.44
N TYR D 64 -4.97 -16.20 0.64
CA TYR D 64 -4.16 -16.53 1.83
C TYR D 64 -4.16 -18.03 2.07
N GLU D 65 -3.02 -18.58 2.44
CA GLU D 65 -2.96 -19.88 3.14
C GLU D 65 -3.64 -19.69 4.50
N VAL D 66 -4.50 -20.64 4.87
CA VAL D 66 -5.26 -20.55 6.14
C VAL D 66 -5.18 -21.89 6.86
N LYS D 67 -5.03 -21.85 8.18
CA LYS D 67 -5.02 -23.07 9.02
C LYS D 67 -6.01 -22.86 10.16
N ASP D 68 -7.11 -23.60 10.15
CA ASP D 68 -8.15 -23.55 11.20
C ASP D 68 -8.56 -22.09 11.40
N GLY D 69 -8.80 -21.36 10.32
CA GLY D 69 -9.33 -19.97 10.38
C GLY D 69 -8.25 -18.94 10.68
N VAL D 70 -6.97 -19.31 10.71
CA VAL D 70 -5.85 -18.37 10.95
C VAL D 70 -5.04 -18.23 9.66
N VAL D 71 -4.84 -17.00 9.21
CA VAL D 71 -4.02 -16.71 8.01
C VAL D 71 -2.56 -17.06 8.32
N VAL D 72 -1.93 -17.83 7.43
CA VAL D 72 -0.52 -18.29 7.54
C VAL D 72 0.34 -17.50 6.54
N GLY D 73 1.29 -16.73 7.07
CA GLY D 73 2.23 -15.96 6.25
C GLY D 73 1.56 -14.86 5.47
N ASP D 74 2.26 -14.34 4.48
CA ASP D 74 1.83 -13.19 3.65
C ASP D 74 0.93 -13.73 2.54
N ALA D 75 0.17 -12.84 1.90
CA ALA D 75 -0.72 -13.18 0.77
C ALA D 75 0.07 -13.98 -0.27
N LYS D 76 -0.54 -15.04 -0.79
CA LYS D 76 0.02 -15.88 -1.89
C LYS D 76 -0.20 -15.19 -3.22
N ALA D 77 -1.29 -14.42 -3.33
CA ALA D 77 -1.65 -13.73 -4.59
C ALA D 77 -2.64 -12.62 -4.30
N THR D 78 -2.60 -11.58 -5.12
CA THR D 78 -3.58 -10.47 -5.13
CA THR D 78 -3.64 -10.53 -5.13
C THR D 78 -3.95 -10.18 -6.58
N LYS D 79 -5.18 -9.80 -6.81
CA LYS D 79 -5.66 -9.36 -8.13
C LYS D 79 -6.48 -8.09 -7.89
N THR D 80 -6.19 -7.03 -8.63
CA THR D 80 -6.99 -5.78 -8.57
C THR D 80 -7.61 -5.54 -9.94
N ALA D 81 -8.82 -4.99 -9.89
CA ALA D 81 -9.66 -4.70 -11.06
C ALA D 81 -10.52 -3.48 -10.74
N VAL D 82 -10.98 -2.79 -11.77
CA VAL D 82 -11.97 -1.69 -11.64
C VAL D 82 -13.24 -2.23 -12.28
N LEU D 83 -14.27 -2.43 -11.48
CA LEU D 83 -15.51 -3.09 -11.94
C LEU D 83 -16.66 -2.13 -11.68
N THR D 84 -17.64 -2.14 -12.57
CA THR D 84 -18.82 -1.25 -12.46
C THR D 84 -19.96 -2.08 -11.89
N ALA D 85 -20.70 -1.51 -10.93
CA ALA D 85 -21.92 -2.13 -10.38
C ALA D 85 -23.00 -2.09 -11.46
N GLY D 86 -23.73 -3.20 -11.59
CA GLY D 86 -24.76 -3.37 -12.62
C GLY D 86 -26.14 -2.94 -12.12
N LYS D 87 -27.16 -3.39 -12.84
CA LYS D 87 -28.56 -2.91 -12.67
C LYS D 87 -28.95 -3.06 -11.20
N ASP D 88 -29.52 -2.00 -10.61
CA ASP D 88 -30.09 -1.98 -9.25
C ASP D 88 -29.00 -2.18 -8.20
N GLY D 89 -27.72 -2.05 -8.57
CA GLY D 89 -26.57 -2.19 -7.65
C GLY D 89 -26.42 -3.61 -7.11
N LYS D 90 -26.93 -4.60 -7.84
CA LYS D 90 -26.85 -6.03 -7.45
C LYS D 90 -26.34 -6.83 -8.66
N GLY D 91 -25.58 -7.89 -8.39
CA GLY D 91 -25.21 -8.87 -9.43
C GLY D 91 -23.97 -9.62 -9.01
N ASP D 92 -23.28 -10.14 -10.02
CA ASP D 92 -22.03 -10.92 -9.83
C ASP D 92 -20.90 -10.22 -10.54
N TRP D 93 -19.73 -10.26 -9.93
CA TRP D 93 -18.44 -9.98 -10.58
C TRP D 93 -17.62 -11.25 -10.54
N GLU D 94 -16.92 -11.55 -11.61
CA GLU D 94 -15.95 -12.67 -11.66
C GLU D 94 -14.57 -12.06 -11.55
N LEU D 95 -13.86 -12.35 -10.47
CA LEU D 95 -12.45 -11.92 -10.32
C LEU D 95 -11.57 -13.14 -10.57
N ASP D 96 -10.92 -13.16 -11.74
CA ASP D 96 -10.08 -14.29 -12.20
C ASP D 96 -8.65 -14.01 -11.71
N PHE D 97 -8.11 -14.84 -10.82
CA PHE D 97 -6.71 -14.76 -10.35
C PHE D 97 -5.78 -15.43 -11.36
N GLY D 98 -6.34 -16.08 -12.38
CA GLY D 98 -5.58 -16.96 -13.27
C GLY D 98 -4.98 -18.12 -12.50
N THR D 99 -3.86 -18.64 -12.98
CA THR D 99 -3.15 -19.78 -12.35
C THR D 99 -2.25 -19.22 -11.26
N VAL D 100 -2.43 -19.71 -10.04
CA VAL D 100 -1.59 -19.38 -8.87
C VAL D 100 -0.59 -20.53 -8.68
N GLU D 101 0.70 -20.21 -8.67
CA GLU D 101 1.82 -21.17 -8.54
C GLU D 101 2.29 -21.24 -7.09
N GLY D 102 2.95 -22.33 -6.74
CA GLY D 102 3.68 -22.47 -5.46
C GLY D 102 2.79 -22.93 -4.34
N LEU D 103 1.51 -23.24 -4.62
CA LEU D 103 0.59 -23.75 -3.57
C LEU D 103 0.96 -25.19 -3.25
N GLU D 104 0.58 -25.64 -2.06
CA GLU D 104 1.08 -26.93 -1.51
C GLU D 104 -0.07 -27.90 -1.27
N VAL D 105 0.15 -29.17 -1.58
CA VAL D 105 -0.81 -30.27 -1.33
C VAL D 105 -1.09 -30.33 0.18
N GLY D 106 -2.37 -30.47 0.54
CA GLY D 106 -2.81 -30.65 1.92
C GLY D 106 -3.12 -29.33 2.60
N LYS D 107 -2.78 -28.19 1.97
CA LYS D 107 -3.01 -26.85 2.58
C LYS D 107 -4.32 -26.29 2.05
N SER D 108 -4.95 -25.45 2.87
CA SER D 108 -6.19 -24.74 2.55
C SER D 108 -5.86 -23.28 2.27
N TYR D 109 -6.57 -22.72 1.30
CA TYR D 109 -6.40 -21.33 0.83
C TYR D 109 -7.76 -20.67 0.82
N VAL D 110 -7.81 -19.42 1.24
CA VAL D 110 -9.08 -18.67 1.33
C VAL D 110 -8.92 -17.36 0.54
N VAL D 111 -10.00 -16.92 -0.09
CA VAL D 111 -10.05 -15.64 -0.81
C VAL D 111 -10.75 -14.60 0.08
N TYR D 112 -10.13 -13.43 0.20
CA TYR D 112 -10.73 -12.20 0.76
C TYR D 112 -11.06 -11.28 -0.41
N GLU D 113 -12.11 -10.48 -0.28
CA GLU D 113 -12.49 -9.47 -1.30
C GLU D 113 -12.76 -8.14 -0.62
N LYS D 114 -12.36 -7.06 -1.29
CA LYS D 114 -12.64 -5.66 -0.88
C LYS D 114 -13.06 -4.90 -2.14
N ALA D 115 -14.15 -4.15 -2.07
CA ALA D 115 -14.58 -3.21 -3.12
C ALA D 115 -14.69 -1.81 -2.51
N VAL D 116 -14.07 -0.82 -3.15
CA VAL D 116 -14.07 0.58 -2.66
C VAL D 116 -14.46 1.47 -3.84
N SER D 117 -15.53 2.24 -3.69
CA SER D 117 -16.00 3.13 -4.78
C SER D 117 -14.90 4.13 -5.11
N LYS D 118 -14.81 4.52 -6.39
CA LYS D 118 -13.92 5.59 -6.84
C LYS D 118 -14.50 6.93 -6.37
N GLU D 119 -15.83 7.07 -6.42
CA GLU D 119 -16.55 8.32 -6.07
C GLU D 119 -16.98 8.30 -4.60
N ASN D 120 -17.13 9.49 -4.02
CA ASN D 120 -17.78 9.67 -2.69
C ASN D 120 -19.27 9.36 -2.86
N LEU D 121 -19.71 8.22 -2.30
CA LEU D 121 -21.10 7.73 -2.40
C LEU D 121 -21.80 7.73 -1.04
N VAL D 122 -21.08 7.96 0.06
CA VAL D 122 -21.62 7.81 1.43
C VAL D 122 -21.53 9.15 2.17
N ASP D 123 -22.64 9.60 2.72
CA ASP D 123 -22.71 10.74 3.65
C ASP D 123 -22.60 10.19 5.08
N ALA D 124 -21.38 10.11 5.61
CA ALA D 124 -21.09 9.54 6.95
C ALA D 124 -21.31 10.57 8.05
N ASP D 125 -21.29 11.88 7.75
CA ASP D 125 -21.38 12.96 8.76
C ASP D 125 -22.82 13.52 8.84
N GLY D 126 -23.72 13.09 7.96
CA GLY D 126 -25.18 13.31 8.07
C GLY D 126 -25.65 14.69 7.63
N ASP D 127 -24.84 15.45 6.89
CA ASP D 127 -25.21 16.82 6.41
C ASP D 127 -25.93 16.71 5.06
N LYS D 128 -26.01 15.51 4.48
CA LYS D 128 -26.80 15.20 3.25
C LYS D 128 -25.92 15.30 2.00
N LYS D 129 -24.59 15.49 2.14
CA LYS D 129 -23.62 15.57 1.01
C LYS D 129 -22.61 14.42 1.13
N PRO D 130 -22.49 13.48 0.18
CA PRO D 130 -21.54 12.39 0.34
C PRO D 130 -20.09 12.91 0.41
N GLU D 131 -19.27 12.32 1.28
CA GLU D 131 -17.84 12.71 1.47
C GLU D 131 -16.97 11.46 1.68
N SER D 132 -17.56 10.27 1.70
CA SER D 132 -16.86 8.99 1.94
C SER D 132 -17.08 8.03 0.78
N LYS D 133 -16.07 7.20 0.51
CA LYS D 133 -16.18 6.09 -0.45
CA LYS D 133 -16.18 6.09 -0.45
C LYS D 133 -17.09 5.01 0.17
N GLN D 134 -17.83 4.30 -0.68
CA GLN D 134 -18.55 3.09 -0.25
C GLN D 134 -17.52 1.96 -0.24
N GLU D 135 -17.29 1.36 0.92
CA GLU D 135 -16.33 0.26 1.09
C GLU D 135 -17.12 -0.96 1.57
N VAL D 136 -17.02 -2.06 0.83
CA VAL D 136 -17.67 -3.35 1.18
CA VAL D 136 -17.64 -3.34 1.22
C VAL D 136 -16.56 -4.42 1.16
N LYS D 137 -16.55 -5.28 2.17
CA LYS D 137 -15.47 -6.28 2.32
C LYS D 137 -16.10 -7.61 2.68
N HIS D 138 -15.42 -8.68 2.30
CA HIS D 138 -15.71 -10.05 2.79
C HIS D 138 -14.37 -10.69 3.11
N GLU D 139 -14.03 -10.72 4.40
CA GLU D 139 -12.70 -11.18 4.90
C GLU D 139 -12.95 -12.17 6.03
N ASN D 140 -13.45 -13.36 5.67
CA ASN D 140 -13.78 -14.43 6.66
C ASN D 140 -12.80 -15.56 6.41
N PRO D 141 -11.75 -15.71 7.23
CA PRO D 141 -10.75 -16.75 6.97
C PRO D 141 -11.29 -18.17 7.09
N ALA D 142 -12.48 -18.33 7.69
CA ALA D 142 -13.12 -19.65 7.92
C ALA D 142 -14.28 -19.88 6.97
N ASP D 143 -14.54 -19.00 5.99
CA ASP D 143 -15.69 -19.14 5.06
C ASP D 143 -15.39 -20.26 4.06
N LYS D 144 -16.02 -21.42 4.21
CA LYS D 144 -15.75 -22.59 3.35
C LYS D 144 -16.06 -22.25 1.88
N SER D 145 -17.02 -21.37 1.61
CA SER D 145 -17.44 -21.02 0.22
C SER D 145 -16.32 -20.22 -0.47
N GLN D 146 -15.35 -19.71 0.29
CA GLN D 146 -14.22 -18.93 -0.25
C GLN D 146 -12.91 -19.71 -0.18
N THR D 147 -12.96 -21.00 0.17
CA THR D 147 -11.78 -21.81 0.52
C THR D 147 -11.67 -22.99 -0.46
N PHE D 148 -10.43 -23.36 -0.76
CA PHE D 148 -10.14 -24.63 -1.47
C PHE D 148 -8.98 -25.35 -0.79
N ILE D 149 -8.96 -26.65 -0.96
CA ILE D 149 -7.87 -27.53 -0.45
C ILE D 149 -7.31 -28.30 -1.66
N ILE D 150 -6.01 -28.52 -1.67
CA ILE D 150 -5.32 -29.30 -2.74
C ILE D 150 -5.08 -30.71 -2.21
N LYS D 151 -5.55 -31.73 -2.93
CA LYS D 151 -5.43 -33.16 -2.51
C LYS D 151 -4.74 -33.98 -3.60
N GLU D 152 -3.86 -34.90 -3.20
CA GLU D 152 -3.19 -35.89 -4.10
C GLU D 152 -4.27 -36.73 -4.81
#